data_4USP
#
_entry.id   4USP
#
_cell.length_a   59.921
_cell.length_b   59.921
_cell.length_c   202.907
_cell.angle_alpha   90.00
_cell.angle_beta   90.00
_cell.angle_gamma   90.00
#
_symmetry.space_group_name_H-M   'P 41 21 2'
#
loop_
_entity.id
_entity.type
_entity.pdbx_description
1 polymer 'CCL2 LECTIN'
2 non-polymer 'CHLORIDE ION'
3 non-polymer 'PHOSPHATE ION'
4 water water
#
_entity_poly.entity_id   1
_entity_poly.type   'polypeptide(L)'
_entity_poly.pdbx_seq_one_letter_code
;MGHHHHHHHHSGDSPAVTLSAGNYIIYNRVLSPRGEKLALTYPGRQRTPVTVSPLDGSSEQAWILRSYDSNSNTWTISPV
GSPNSQIGWGAGNVPVVLPPNNYVWTLTLTSGGYNIQDGKRTVSWSLNNATAGEEVSIGADATFSGRWVIEKV
;
_entity_poly.pdbx_strand_id   A,B
#
# COMPACT_ATOMS: atom_id res chain seq x y z
N LEU A 19 21.79 -2.83 1.18
CA LEU A 19 21.26 -4.15 0.68
C LEU A 19 22.39 -5.15 0.46
N SER A 20 22.26 -6.35 1.00
CA SER A 20 23.32 -7.33 0.81
C SER A 20 22.71 -8.71 0.48
N ALA A 21 23.58 -9.61 0.00
CA ALA A 21 23.17 -10.98 -0.27
C ALA A 21 22.47 -11.63 0.92
N GLY A 22 21.53 -12.53 0.65
CA GLY A 22 20.79 -13.25 1.68
C GLY A 22 19.35 -13.45 1.22
N ASN A 23 18.52 -13.85 2.14
CA ASN A 23 17.11 -14.10 1.89
C ASN A 23 16.14 -13.00 2.26
N TYR A 24 15.21 -12.77 1.36
CA TYR A 24 14.29 -11.67 1.48
C TYR A 24 12.84 -11.96 1.08
N ILE A 25 11.94 -11.17 1.65
CA ILE A 25 10.60 -11.00 1.10
C ILE A 25 10.63 -9.69 0.30
N ILE A 26 9.79 -9.66 -0.72
CA ILE A 26 9.70 -8.55 -1.61
C ILE A 26 8.20 -8.28 -1.77
N TYR A 27 7.74 -7.13 -1.30
CA TYR A 27 6.33 -6.85 -1.38
C TYR A 27 6.01 -5.46 -1.92
N ASN A 28 4.82 -5.32 -2.47
CA ASN A 28 4.44 -4.07 -3.13
C ASN A 28 4.15 -2.95 -2.11
N ARG A 29 4.39 -1.71 -2.52
CA ARG A 29 3.89 -0.60 -1.72
C ARG A 29 2.37 -0.51 -1.62
N VAL A 30 1.67 -1.07 -2.58
CA VAL A 30 0.20 -1.01 -2.58
C VAL A 30 -0.37 -2.31 -2.04
N LEU A 31 -1.19 -2.14 -1.02
CA LEU A 31 -1.85 -3.25 -0.35
C LEU A 31 -3.02 -3.73 -1.18
N SER A 32 -3.47 -4.95 -0.88
CA SER A 32 -4.69 -5.46 -1.45
C SER A 32 -5.86 -4.57 -0.99
N PRO A 33 -7.01 -4.68 -1.65
CA PRO A 33 -8.17 -3.93 -1.14
C PRO A 33 -8.51 -4.19 0.32
N ARG A 34 -8.10 -5.33 0.86
CA ARG A 34 -8.35 -5.73 2.27
C ARG A 34 -7.21 -5.35 3.18
N GLY A 35 -6.20 -4.67 2.67
CA GLY A 35 -5.11 -4.22 3.51
C GLY A 35 -3.97 -5.22 3.66
N GLU A 36 -3.86 -6.20 2.79
CA GLU A 36 -2.83 -7.20 2.91
C GLU A 36 -1.60 -6.82 2.12
N LYS A 37 -0.44 -6.96 2.73
CA LYS A 37 0.81 -6.82 2.01
C LYS A 37 0.91 -7.88 0.95
N LEU A 38 1.17 -7.46 -0.27
CA LEU A 38 1.22 -8.37 -1.41
C LEU A 38 2.65 -8.76 -1.78
N ALA A 39 3.03 -9.99 -1.47
CA ALA A 39 4.42 -10.42 -1.56
C ALA A 39 4.63 -11.29 -2.79
N LEU A 40 5.77 -11.07 -3.42
CA LEU A 40 6.24 -11.89 -4.52
C LEU A 40 6.27 -13.34 -4.14
N THR A 41 5.63 -14.15 -4.96
CA THR A 41 5.31 -15.51 -4.62
C THR A 41 5.70 -16.43 -5.76
N TYR A 42 6.56 -17.41 -5.45
CA TYR A 42 7.01 -18.40 -6.42
C TYR A 42 5.85 -19.37 -6.66
N PRO A 43 5.47 -19.61 -7.92
CA PRO A 43 4.34 -20.49 -8.16
C PRO A 43 4.65 -21.97 -8.07
N GLY A 44 5.88 -22.35 -7.75
CA GLY A 44 6.18 -23.77 -7.51
C GLY A 44 6.67 -24.49 -8.75
N ARG A 45 6.70 -23.84 -9.91
CA ARG A 45 7.39 -24.40 -11.03
C ARG A 45 7.92 -23.34 -11.98
N GLN A 46 8.76 -23.81 -12.87
CA GLN A 46 9.39 -22.91 -13.81
C GLN A 46 8.46 -22.46 -14.93
N ARG A 47 8.83 -21.35 -15.57
CA ARG A 47 8.14 -20.85 -16.74
C ARG A 47 6.66 -20.71 -16.45
N THR A 48 6.36 -20.20 -15.26
CA THR A 48 5.00 -19.91 -14.83
C THR A 48 5.01 -18.49 -14.25
N PRO A 49 4.06 -17.64 -14.64
CA PRO A 49 4.13 -16.23 -14.18
C PRO A 49 4.17 -16.08 -12.68
N VAL A 50 5.10 -15.28 -12.22
CA VAL A 50 5.26 -15.00 -10.81
C VAL A 50 4.18 -13.98 -10.43
N THR A 51 3.50 -14.27 -9.33
CA THR A 51 2.39 -13.52 -8.82
C THR A 51 2.74 -12.88 -7.48
N VAL A 52 1.79 -12.10 -6.96
CA VAL A 52 1.82 -11.67 -5.59
C VAL A 52 0.68 -12.30 -4.80
N SER A 53 0.89 -12.46 -3.51
CA SER A 53 -0.15 -12.97 -2.67
C SER A 53 0.06 -12.43 -1.26
N PRO A 54 -1.00 -12.52 -0.41
CA PRO A 54 -0.86 -12.00 0.92
C PRO A 54 0.31 -12.57 1.73
N LEU A 55 1.05 -11.66 2.33
CA LEU A 55 2.23 -12.01 3.11
C LEU A 55 1.80 -13.01 4.16
N ASP A 56 2.47 -14.17 4.20
CA ASP A 56 2.08 -15.26 5.12
C ASP A 56 3.20 -16.12 5.66
N GLY A 57 4.46 -15.74 5.48
CA GLY A 57 5.57 -16.52 5.99
C GLY A 57 5.89 -17.81 5.22
N SER A 58 5.20 -18.10 4.12
CA SER A 58 5.45 -19.33 3.36
C SER A 58 6.80 -19.22 2.62
N SER A 59 7.39 -20.38 2.37
CA SER A 59 8.72 -20.42 1.69
C SER A 59 8.64 -19.90 0.25
N GLU A 60 7.48 -20.00 -0.36
CA GLU A 60 7.26 -19.48 -1.70
C GLU A 60 7.48 -17.97 -1.76
N GLN A 61 7.39 -17.30 -0.61
CA GLN A 61 7.60 -15.85 -0.55
C GLN A 61 9.05 -15.44 -0.20
N ALA A 62 9.93 -16.41 0.05
CA ALA A 62 11.33 -16.12 0.37
C ALA A 62 12.20 -16.24 -0.87
N TRP A 63 13.04 -15.21 -1.08
CA TRP A 63 13.88 -15.12 -2.26
C TRP A 63 15.34 -14.92 -1.87
N ILE A 64 16.23 -15.57 -2.60
CA ILE A 64 17.65 -15.38 -2.41
C ILE A 64 18.14 -14.33 -3.38
N LEU A 65 18.67 -13.24 -2.83
CA LEU A 65 19.31 -12.19 -3.63
C LEU A 65 20.82 -12.42 -3.62
N ARG A 66 21.38 -12.51 -4.80
CA ARG A 66 22.84 -12.58 -4.97
C ARG A 66 23.28 -11.38 -5.85
N SER A 67 24.31 -10.71 -5.40
CA SER A 67 24.88 -9.60 -6.12
C SER A 67 25.53 -10.08 -7.39
N TYR A 68 25.15 -9.50 -8.52
CA TYR A 68 25.74 -9.87 -9.77
C TYR A 68 26.83 -8.89 -10.14
N ASP A 69 26.47 -7.61 -10.24
CA ASP A 69 27.45 -6.56 -10.42
C ASP A 69 27.14 -5.41 -9.50
N SER A 70 28.03 -5.13 -8.56
CA SER A 70 27.78 -4.05 -7.61
C SER A 70 27.76 -2.64 -8.25
N ASN A 71 28.64 -2.38 -9.19
CA ASN A 71 28.68 -1.07 -9.84
C ASN A 71 27.36 -0.75 -10.54
N SER A 72 26.79 -1.73 -11.20
CA SER A 72 25.54 -1.50 -11.89
C SER A 72 24.31 -1.84 -11.07
N ASN A 73 24.48 -2.23 -9.80
CA ASN A 73 23.32 -2.56 -8.95
C ASN A 73 22.40 -3.63 -9.39
N THR A 74 22.99 -4.64 -9.99
CA THR A 74 22.21 -5.76 -10.50
C THR A 74 22.36 -7.00 -9.63
N TRP A 75 21.30 -7.80 -9.63
CA TRP A 75 21.16 -8.94 -8.75
C TRP A 75 20.49 -10.10 -9.48
N THR A 76 20.77 -11.33 -9.04
CA THR A 76 19.93 -12.45 -9.39
C THR A 76 18.97 -12.66 -8.26
N ILE A 77 17.81 -13.19 -8.60
CA ILE A 77 16.76 -13.45 -7.63
C ILE A 77 16.33 -14.88 -7.85
N SER A 78 16.46 -15.69 -6.81
CA SER A 78 16.14 -17.12 -6.85
C SER A 78 15.17 -17.53 -5.71
N PRO A 79 14.16 -18.35 -6.02
CA PRO A 79 13.27 -18.81 -4.97
C PRO A 79 14.01 -19.76 -4.03
N VAL A 80 13.78 -19.67 -2.71
CA VAL A 80 14.44 -20.61 -1.78
C VAL A 80 14.04 -22.03 -2.12
N GLY A 81 12.85 -22.23 -2.65
CA GLY A 81 12.45 -23.55 -3.08
C GLY A 81 13.23 -24.19 -4.23
N SER A 82 13.91 -23.39 -5.05
CA SER A 82 14.73 -23.90 -6.17
C SER A 82 15.89 -22.91 -6.35
N PRO A 83 16.83 -22.96 -5.41
CA PRO A 83 17.77 -21.88 -5.20
C PRO A 83 18.78 -21.62 -6.33
N ASN A 84 18.97 -22.58 -7.24
CA ASN A 84 19.79 -22.32 -8.40
C ASN A 84 19.07 -21.62 -9.56
N SER A 85 17.75 -21.60 -9.51
CA SER A 85 16.91 -21.03 -10.51
C SER A 85 16.86 -19.54 -10.39
N GLN A 86 16.50 -18.87 -11.47
CA GLN A 86 16.44 -17.41 -11.49
C GLN A 86 15.19 -16.87 -12.13
N ILE A 87 14.75 -15.74 -11.63
CA ILE A 87 13.68 -14.99 -12.26
C ILE A 87 14.22 -14.28 -13.48
N GLY A 88 13.54 -14.52 -14.60
CA GLY A 88 13.81 -13.86 -15.90
C GLY A 88 12.56 -13.13 -16.40
N TRP A 89 12.72 -12.46 -17.53
CA TRP A 89 11.70 -11.64 -18.17
C TRP A 89 10.91 -12.54 -19.13
N GLY A 90 9.71 -12.89 -18.75
CA GLY A 90 8.95 -13.84 -19.51
C GLY A 90 8.17 -13.19 -20.64
N ALA A 91 7.95 -13.97 -21.69
CA ALA A 91 6.99 -13.59 -22.70
C ALA A 91 5.71 -13.21 -22.03
N GLY A 92 5.07 -12.21 -22.60
CA GLY A 92 3.90 -11.64 -21.97
C GLY A 92 4.25 -10.58 -20.94
N ASN A 93 5.54 -10.31 -20.78
CA ASN A 93 6.03 -9.30 -19.85
C ASN A 93 5.57 -9.56 -18.42
N VAL A 94 5.87 -10.76 -17.96
CA VAL A 94 5.64 -11.15 -16.60
C VAL A 94 6.90 -11.89 -16.18
N PRO A 95 7.24 -11.86 -14.89
CA PRO A 95 8.45 -12.59 -14.54
C PRO A 95 8.15 -14.07 -14.50
N VAL A 96 9.12 -14.88 -14.89
CA VAL A 96 9.07 -16.29 -14.71
C VAL A 96 10.41 -16.83 -14.17
N VAL A 97 10.33 -17.99 -13.52
CA VAL A 97 11.53 -18.66 -13.02
C VAL A 97 12.07 -19.64 -14.05
N LEU A 98 13.39 -19.70 -14.16
CA LEU A 98 14.07 -20.42 -15.24
C LEU A 98 15.35 -21.03 -14.78
N PRO A 99 15.87 -21.99 -15.55
CA PRO A 99 17.22 -22.42 -15.23
C PRO A 99 18.20 -21.28 -15.39
N PRO A 100 19.22 -21.27 -14.52
CA PRO A 100 20.11 -20.12 -14.47
C PRO A 100 20.81 -19.80 -15.79
N ASN A 101 20.89 -18.51 -16.10
CA ASN A 101 21.68 -18.07 -17.22
C ASN A 101 21.89 -16.55 -17.13
N ASN A 102 22.43 -16.14 -15.98
CA ASN A 102 22.66 -14.74 -15.71
C ASN A 102 21.45 -13.80 -15.95
N TYR A 103 20.27 -14.21 -15.53
CA TYR A 103 19.14 -13.29 -15.54
C TYR A 103 19.27 -12.35 -14.36
N VAL A 104 19.34 -11.04 -14.62
CA VAL A 104 19.50 -10.08 -13.55
C VAL A 104 18.45 -8.96 -13.56
N TRP A 105 18.33 -8.32 -12.42
CA TRP A 105 17.44 -7.19 -12.21
C TRP A 105 18.23 -6.11 -11.49
N THR A 106 17.93 -4.87 -11.82
CA THR A 106 18.50 -3.74 -11.13
C THR A 106 17.57 -3.42 -9.95
N LEU A 107 18.16 -3.26 -8.75
CA LEU A 107 17.39 -2.88 -7.57
C LEU A 107 17.82 -1.53 -7.12
N THR A 108 17.02 -0.52 -7.41
CA THR A 108 17.37 0.85 -7.09
C THR A 108 16.47 1.35 -5.98
N LEU A 109 17.07 1.76 -4.87
CA LEU A 109 16.33 2.36 -3.78
C LEU A 109 16.04 3.82 -4.10
N THR A 110 14.79 4.18 -4.33
CA THR A 110 14.44 5.58 -4.57
C THR A 110 13.80 6.08 -3.32
N SER A 111 13.50 7.37 -3.27
CA SER A 111 12.85 7.87 -2.05
C SER A 111 11.39 7.37 -1.93
N GLY A 112 10.86 6.75 -2.97
CA GLY A 112 9.60 6.06 -2.86
C GLY A 112 9.65 4.55 -2.71
N GLY A 113 10.82 4.00 -2.45
CA GLY A 113 10.97 2.55 -2.31
C GLY A 113 11.78 1.98 -3.46
N TYR A 114 11.81 0.65 -3.56
CA TYR A 114 12.61 0.03 -4.62
C TYR A 114 11.95 0.03 -5.98
N ASN A 115 12.69 0.50 -6.99
CA ASN A 115 12.29 0.35 -8.37
C ASN A 115 13.06 -0.86 -8.90
N ILE A 116 12.31 -1.90 -9.29
CA ILE A 116 12.91 -3.15 -9.75
C ILE A 116 12.85 -3.13 -11.27
N GLN A 117 14.02 -2.98 -11.90
CA GLN A 117 14.08 -2.93 -13.33
C GLN A 117 14.93 -4.04 -13.92
N ASP A 118 14.87 -4.18 -15.24
CA ASP A 118 15.77 -5.04 -15.92
C ASP A 118 17.19 -4.48 -15.78
N GLY A 119 18.16 -5.31 -16.14
CA GLY A 119 19.58 -4.90 -16.19
C GLY A 119 19.85 -3.63 -16.93
N LYS A 120 19.13 -3.38 -18.03
CA LYS A 120 19.31 -2.15 -18.82
C LYS A 120 18.50 -0.95 -18.35
N ARG A 121 17.68 -1.14 -17.33
CA ARG A 121 16.84 -0.03 -16.79
C ARG A 121 15.88 0.61 -17.78
N THR A 122 15.17 -0.19 -18.54
CA THR A 122 14.18 0.28 -19.49
C THR A 122 12.76 -0.03 -19.03
N VAL A 123 12.59 -1.01 -18.14
CA VAL A 123 11.26 -1.43 -17.70
C VAL A 123 11.27 -1.67 -16.17
N SER A 124 10.08 -1.69 -15.58
CA SER A 124 9.90 -1.80 -14.16
C SER A 124 8.82 -2.84 -13.84
N TRP A 125 8.99 -3.53 -12.71
CA TRP A 125 7.93 -4.39 -12.17
C TRP A 125 6.87 -3.53 -11.53
N SER A 126 5.62 -3.81 -11.84
CA SER A 126 4.51 -3.22 -11.12
C SER A 126 3.31 -4.16 -11.06
N LEU A 127 2.29 -3.71 -10.37
CA LEU A 127 0.99 -4.38 -10.31
C LEU A 127 -0.03 -3.44 -10.89
N ASN A 128 -0.91 -3.95 -11.75
CA ASN A 128 -1.94 -3.13 -12.33
C ASN A 128 -3.01 -2.80 -11.32
N ASN A 129 -3.56 -3.80 -10.65
CA ASN A 129 -4.62 -3.56 -9.67
C ASN A 129 -4.25 -3.74 -8.21
N ALA A 130 -3.14 -4.42 -7.97
CA ALA A 130 -2.69 -4.79 -6.65
C ALA A 130 -3.71 -5.62 -5.90
N THR A 131 -3.96 -6.79 -6.47
CA THR A 131 -4.88 -7.78 -5.89
C THR A 131 -4.13 -9.10 -5.69
N ALA A 132 -4.58 -9.84 -4.70
CA ALA A 132 -4.12 -11.17 -4.42
C ALA A 132 -4.20 -12.07 -5.66
N GLY A 133 -3.10 -12.77 -5.94
CA GLY A 133 -3.07 -13.66 -7.08
C GLY A 133 -2.63 -12.97 -8.35
N GLU A 134 -2.41 -11.65 -8.32
CA GLU A 134 -2.10 -10.92 -9.54
C GLU A 134 -0.70 -11.26 -10.07
N GLU A 135 -0.59 -11.38 -11.38
CA GLU A 135 0.70 -11.56 -12.01
C GLU A 135 1.45 -10.23 -12.02
N VAL A 136 2.75 -10.26 -11.75
CA VAL A 136 3.52 -9.06 -11.79
C VAL A 136 3.71 -8.62 -13.24
N SER A 137 3.57 -7.34 -13.53
CA SER A 137 3.82 -6.81 -14.88
C SER A 137 5.20 -6.17 -15.03
N ILE A 138 5.75 -6.35 -16.21
CA ILE A 138 7.03 -5.81 -16.54
C ILE A 138 6.75 -4.79 -17.63
N GLY A 139 6.98 -3.51 -17.35
CA GLY A 139 6.76 -2.45 -18.32
C GLY A 139 6.88 -1.08 -17.67
N ALA A 140 5.86 -0.26 -17.86
CA ALA A 140 5.92 1.13 -17.44
C ALA A 140 6.05 1.23 -15.97
N ASP A 141 6.81 2.22 -15.55
CA ASP A 141 6.94 2.47 -14.14
C ASP A 141 5.57 3.00 -13.71
N ALA A 142 5.19 2.86 -12.47
CA ALA A 142 3.79 3.19 -12.09
C ALA A 142 3.90 3.77 -10.74
N THR A 143 3.17 4.83 -10.52
CA THR A 143 3.22 5.51 -9.26
C THR A 143 2.60 4.50 -8.28
N PHE A 144 3.30 4.37 -7.18
CA PHE A 144 2.94 3.52 -6.07
C PHE A 144 3.13 2.02 -6.37
N SER A 145 2.37 1.45 -7.30
CA SER A 145 2.49 0.02 -7.55
C SER A 145 3.76 -0.38 -8.30
N GLY A 146 4.51 0.57 -8.81
CA GLY A 146 5.86 0.32 -9.32
C GLY A 146 6.95 0.39 -8.24
N ARG A 147 6.58 0.49 -6.96
CA ARG A 147 7.55 0.55 -5.90
C ARG A 147 7.39 -0.60 -4.90
N TRP A 148 8.52 -1.09 -4.38
CA TRP A 148 8.55 -2.29 -3.62
C TRP A 148 9.31 -2.09 -2.29
N VAL A 149 9.01 -3.02 -1.36
CA VAL A 149 9.68 -3.10 -0.08
C VAL A 149 10.40 -4.47 0.00
N ILE A 150 11.66 -4.43 0.43
CA ILE A 150 12.50 -5.59 0.43
C ILE A 150 13.04 -5.72 1.82
N GLU A 151 12.67 -6.80 2.50
CA GLU A 151 12.96 -6.97 3.91
C GLU A 151 13.67 -8.29 4.09
N LYS A 152 14.74 -8.26 4.86
CA LYS A 152 15.43 -9.45 5.24
C LYS A 152 14.60 -10.57 5.85
N VAL A 153 15.03 -11.76 5.49
CA VAL A 153 14.50 -13.09 5.82
C VAL A 153 13.07 -13.28 5.46
N LEU B 19 -20.68 -2.83 7.36
CA LEU B 19 -20.03 -1.76 8.19
C LEU B 19 -20.98 -1.21 9.27
N SER B 20 -20.53 -1.15 10.51
CA SER B 20 -21.38 -0.73 11.64
C SER B 20 -20.65 0.12 12.71
N ALA B 21 -21.43 0.80 13.56
CA ALA B 21 -20.92 1.71 14.62
C ALA B 21 -19.88 1.03 15.55
N GLY B 22 -18.93 1.81 16.06
CA GLY B 22 -17.88 1.30 16.95
C GLY B 22 -16.60 2.02 16.64
N ASN B 23 -15.52 1.52 17.21
CA ASN B 23 -14.19 2.10 17.02
C ASN B 23 -13.36 1.42 15.98
N TYR B 24 -12.67 2.24 15.19
CA TYR B 24 -11.92 1.77 14.04
C TYR B 24 -10.59 2.43 13.83
N ILE B 25 -9.71 1.69 13.14
CA ILE B 25 -8.56 2.31 12.49
C ILE B 25 -8.89 2.46 11.03
N ILE B 26 -8.30 3.46 10.42
CA ILE B 26 -8.54 3.78 9.03
C ILE B 26 -7.16 4.03 8.43
N TYR B 27 -6.76 3.21 7.48
CA TYR B 27 -5.44 3.36 6.91
C TYR B 27 -5.40 3.27 5.39
N ASN B 28 -4.40 3.90 4.79
CA ASN B 28 -4.35 4.02 3.34
C ASN B 28 -3.97 2.66 2.69
N ARG B 29 -4.44 2.42 1.49
CA ARG B 29 -3.94 1.30 0.70
C ARG B 29 -2.46 1.39 0.32
N VAL B 30 -1.89 2.61 0.24
CA VAL B 30 -0.50 2.79 -0.09
C VAL B 30 0.33 2.92 1.19
N LEU B 31 1.30 2.03 1.30
CA LEU B 31 2.21 2.00 2.42
C LEU B 31 3.24 3.12 2.32
N SER B 32 3.90 3.41 3.42
CA SER B 32 5.06 4.30 3.41
C SER B 32 6.16 3.71 2.56
N PRO B 33 7.14 4.53 2.17
CA PRO B 33 8.30 3.94 1.45
C PRO B 33 8.99 2.80 2.17
N ARG B 34 8.85 2.74 3.50
CA ARG B 34 9.43 1.70 4.36
C ARG B 34 8.44 0.52 4.60
N GLY B 35 7.27 0.54 4.01
CA GLY B 35 6.32 -0.58 4.17
C GLY B 35 5.41 -0.48 5.37
N GLU B 36 5.25 0.73 5.92
CA GLU B 36 4.36 0.93 7.06
C GLU B 36 2.96 1.31 6.64
N LYS B 37 1.97 0.66 7.25
CA LYS B 37 0.60 1.09 7.08
C LYS B 37 0.40 2.50 7.65
N LEU B 38 -0.14 3.39 6.84
CA LEU B 38 -0.31 4.76 7.22
C LEU B 38 -1.72 5.07 7.72
N ALA B 39 -1.86 5.21 9.02
CA ALA B 39 -3.17 5.29 9.68
C ALA B 39 -3.57 6.71 10.06
N LEU B 40 -4.83 7.00 9.86
CA LEU B 40 -5.41 8.29 10.21
C LEU B 40 -5.15 8.58 11.67
N THR B 41 -4.58 9.75 11.93
CA THR B 41 -4.04 10.09 13.23
C THR B 41 -4.54 11.43 13.70
N TYR B 42 -5.13 11.44 14.88
CA TYR B 42 -5.71 12.66 15.48
C TYR B 42 -4.58 13.45 16.02
N PRO B 43 -4.51 14.75 15.67
CA PRO B 43 -3.32 15.51 16.09
C PRO B 43 -3.42 16.00 17.49
N GLY B 44 -4.48 15.66 18.19
CA GLY B 44 -4.55 15.93 19.64
C GLY B 44 -5.26 17.24 19.94
N ARG B 45 -5.75 17.91 18.90
CA ARG B 45 -6.55 19.11 19.09
C ARG B 45 -7.30 19.50 17.83
N GLN B 46 -8.22 20.43 18.02
CA GLN B 46 -9.13 20.81 16.98
C GLN B 46 -8.53 21.74 15.95
N ARG B 47 -9.17 21.81 14.79
CA ARG B 47 -8.80 22.75 13.73
C ARG B 47 -7.32 22.63 13.38
N THR B 48 -6.83 21.41 13.38
CA THR B 48 -5.46 21.10 13.06
C THR B 48 -5.52 19.97 12.01
N PRO B 49 -4.77 20.10 10.90
CA PRO B 49 -4.91 19.08 9.85
C PRO B 49 -4.64 17.66 10.32
N VAL B 50 -5.54 16.77 9.99
CA VAL B 50 -5.42 15.39 10.35
C VAL B 50 -4.38 14.78 9.36
N THR B 51 -3.46 14.00 9.93
CA THR B 51 -2.36 13.40 9.20
C THR B 51 -2.50 11.87 9.24
N VAL B 52 -1.60 11.22 8.52
CA VAL B 52 -1.37 9.78 8.67
C VAL B 52 -0.03 9.50 9.32
N SER B 53 0.06 8.41 10.06
CA SER B 53 1.31 8.01 10.62
C SER B 53 1.35 6.51 10.74
N PRO B 54 2.55 5.95 10.91
CA PRO B 54 2.62 4.49 10.97
C PRO B 54 1.72 3.84 12.04
N LEU B 55 1.01 2.82 11.61
CA LEU B 55 0.13 2.12 12.50
C LEU B 55 0.89 1.68 13.73
N ASP B 56 0.40 2.08 14.92
CA ASP B 56 1.08 1.78 16.18
C ASP B 56 0.20 1.49 17.40
N GLY B 57 -1.10 1.30 17.22
CA GLY B 57 -1.97 1.02 18.36
C GLY B 57 -2.23 2.19 19.32
N SER B 58 -1.82 3.42 19.01
CA SER B 58 -2.05 4.56 19.88
C SER B 58 -3.52 5.02 19.78
N SER B 59 -4.01 5.66 20.83
CA SER B 59 -5.41 6.10 20.86
C SER B 59 -5.71 7.15 19.79
N GLU B 60 -4.69 7.89 19.38
CA GLU B 60 -4.84 8.91 18.34
C GLU B 60 -5.25 8.30 17.01
N GLN B 61 -5.05 6.98 16.86
CA GLN B 61 -5.41 6.28 15.63
C GLN B 61 -6.75 5.59 15.70
N ALA B 62 -7.43 5.68 16.86
CA ALA B 62 -8.76 5.07 17.01
C ALA B 62 -9.86 6.10 16.80
N TRP B 63 -10.84 5.75 15.98
CA TRP B 63 -11.90 6.64 15.62
C TRP B 63 -13.23 5.97 15.91
N ILE B 64 -14.19 6.79 16.35
CA ILE B 64 -15.56 6.34 16.54
C ILE B 64 -16.37 6.69 15.30
N LEU B 65 -16.89 5.66 14.67
CA LEU B 65 -17.82 5.83 13.56
C LEU B 65 -19.24 5.71 14.10
N ARG B 66 -20.06 6.72 13.81
CA ARG B 66 -21.48 6.72 14.11
C ARG B 66 -22.24 6.92 12.83
N SER B 67 -23.23 6.06 12.63
CA SER B 67 -24.06 6.06 11.44
C SER B 67 -24.93 7.27 11.43
N TYR B 68 -24.90 8.02 10.33
CA TYR B 68 -25.67 9.23 10.25
C TYR B 68 -26.93 9.01 9.41
N ASP B 69 -26.72 8.61 8.17
CA ASP B 69 -27.79 8.10 7.36
C ASP B 69 -27.31 6.76 6.79
N SER B 70 -27.77 5.63 7.34
CA SER B 70 -27.39 4.29 6.81
C SER B 70 -27.76 4.12 5.34
N ASN B 71 -28.89 4.70 4.96
CA ASN B 71 -29.37 4.64 3.59
C ASN B 71 -28.51 5.49 2.70
N SER B 72 -27.65 6.32 3.26
CA SER B 72 -26.77 7.14 2.47
C SER B 72 -25.28 6.75 2.58
N ASN B 73 -25.03 5.75 3.40
CA ASN B 73 -23.70 5.40 3.74
C ASN B 73 -22.90 6.56 4.36
N THR B 74 -23.57 7.51 5.03
CA THR B 74 -22.85 8.59 5.65
C THR B 74 -22.67 8.35 7.12
N TRP B 75 -21.55 8.88 7.62
CA TRP B 75 -21.10 8.64 8.97
C TRP B 75 -20.42 9.87 9.53
N THR B 76 -20.47 9.99 10.86
CA THR B 76 -19.58 10.92 11.54
C THR B 76 -18.37 10.15 12.01
N ILE B 77 -17.27 10.85 12.10
CA ILE B 77 -16.03 10.25 12.54
C ILE B 77 -15.46 11.12 13.63
N SER B 78 -15.24 10.52 14.80
CA SER B 78 -14.80 11.24 15.99
C SER B 78 -13.57 10.54 16.58
N PRO B 79 -12.57 11.32 17.00
CA PRO B 79 -11.44 10.70 17.67
C PRO B 79 -11.82 10.18 19.06
N VAL B 80 -11.32 9.03 19.47
CA VAL B 80 -11.68 8.53 20.82
C VAL B 80 -11.24 9.50 21.90
N GLY B 81 -10.17 10.24 21.64
CA GLY B 81 -9.68 11.20 22.59
C GLY B 81 -10.60 12.36 22.88
N SER B 82 -11.49 12.67 21.94
CA SER B 82 -12.43 13.77 22.05
C SER B 82 -13.71 13.32 21.33
N PRO B 83 -14.45 12.40 21.95
CA PRO B 83 -15.45 11.63 21.25
C PRO B 83 -16.67 12.39 20.77
N ASN B 84 -16.90 13.60 21.26
CA ASN B 84 -18.01 14.40 20.73
C ASN B 84 -17.67 15.24 19.54
N SER B 85 -16.39 15.34 19.26
CA SER B 85 -15.90 16.09 18.13
C SER B 85 -16.02 15.32 16.87
N GLN B 86 -16.01 16.03 15.74
CA GLN B 86 -16.14 15.42 14.42
C GLN B 86 -15.11 15.97 13.43
N ILE B 87 -14.71 15.07 12.52
CA ILE B 87 -13.92 15.47 11.38
C ILE B 87 -14.79 16.19 10.38
N GLY B 88 -14.38 17.41 10.05
CA GLY B 88 -14.98 18.23 9.01
C GLY B 88 -13.97 18.55 7.90
N TRP B 89 -14.44 19.26 6.89
CA TRP B 89 -13.69 19.65 5.72
C TRP B 89 -13.03 20.99 5.98
N GLY B 90 -11.73 20.93 6.21
CA GLY B 90 -11.01 22.14 6.59
C GLY B 90 -10.57 23.00 5.44
N ALA B 91 -10.45 24.31 5.67
CA ALA B 91 -9.78 25.18 4.73
C ALA B 91 -8.43 24.62 4.42
N GLY B 92 -8.04 24.74 3.18
CA GLY B 92 -6.81 24.11 2.71
C GLY B 92 -7.06 22.71 2.19
N ASN B 93 -8.31 22.27 2.24
CA ASN B 93 -8.75 20.95 1.80
C ASN B 93 -8.02 19.85 2.53
N VAL B 94 -8.14 19.88 3.85
CA VAL B 94 -7.58 18.85 4.69
C VAL B 94 -8.62 18.59 5.75
N PRO B 95 -8.69 17.37 6.24
CA PRO B 95 -9.64 17.18 7.30
C PRO B 95 -9.16 17.83 8.59
N VAL B 96 -10.09 18.39 9.35
CA VAL B 96 -9.83 18.87 10.68
C VAL B 96 -10.94 18.49 11.65
N VAL B 97 -10.57 18.42 12.93
CA VAL B 97 -11.54 18.08 13.96
C VAL B 97 -12.19 19.34 14.55
N LEU B 98 -13.50 19.28 14.79
CA LEU B 98 -14.30 20.46 15.17
C LEU B 98 -15.39 20.12 16.14
N PRO B 99 -15.97 21.11 16.79
CA PRO B 99 -17.16 20.79 17.57
C PRO B 99 -18.31 20.31 16.68
N PRO B 100 -19.11 19.39 17.21
CA PRO B 100 -20.05 18.68 16.38
C PRO B 100 -21.05 19.59 15.70
N ASN B 101 -21.35 19.30 14.45
CA ASN B 101 -22.39 19.99 13.75
C ASN B 101 -22.77 19.19 12.51
N ASN B 102 -23.08 17.91 12.73
CA ASN B 102 -23.40 17.00 11.63
C ASN B 102 -22.40 17.02 10.47
N TYR B 103 -21.12 17.05 10.76
CA TYR B 103 -20.13 16.84 9.70
C TYR B 103 -20.09 15.37 9.35
N VAL B 104 -20.36 15.04 8.10
CA VAL B 104 -20.41 13.64 7.69
C VAL B 104 -19.53 13.31 6.49
N TRP B 105 -19.23 12.04 6.36
CA TRP B 105 -18.47 11.52 5.24
C TRP B 105 -19.19 10.29 4.70
N THR B 106 -19.17 10.13 3.40
CA THR B 106 -19.69 8.97 2.76
C THR B 106 -18.55 7.93 2.72
N LEU B 107 -18.86 6.70 3.18
CA LEU B 107 -17.90 5.62 3.18
C LEU B 107 -18.46 4.59 2.25
N THR B 108 -17.88 4.56 1.06
CA THR B 108 -18.31 3.63 0.03
C THR B 108 -17.26 2.56 -0.16
N LEU B 109 -17.66 1.30 0.03
CA LEU B 109 -16.78 0.17 -0.24
C LEU B 109 -16.77 -0.11 -1.73
N THR B 110 -15.65 0.09 -2.40
CA THR B 110 -15.54 -0.23 -3.83
C THR B 110 -14.69 -1.47 -3.92
N SER B 111 -14.54 -2.03 -5.12
CA SER B 111 -13.71 -3.21 -5.25
C SER B 111 -12.21 -2.89 -5.01
N GLY B 112 -11.85 -1.62 -4.99
CA GLY B 112 -10.51 -1.24 -4.61
C GLY B 112 -10.36 -0.74 -3.19
N GLY B 113 -11.40 -0.88 -2.37
CA GLY B 113 -11.32 -0.42 -0.96
C GLY B 113 -12.27 0.73 -0.72
N TYR B 114 -12.17 1.35 0.44
CA TYR B 114 -13.09 2.45 0.75
C TYR B 114 -12.72 3.74 0.06
N ASN B 115 -13.73 4.35 -0.57
CA ASN B 115 -13.61 5.70 -1.10
C ASN B 115 -14.31 6.58 -0.06
N ILE B 116 -13.54 7.46 0.56
CA ILE B 116 -14.03 8.34 1.65
C ILE B 116 -14.31 9.70 1.01
N GLN B 117 -15.58 10.02 0.87
CA GLN B 117 -16.00 11.27 0.25
C GLN B 117 -16.84 12.12 1.17
N ASP B 118 -17.04 13.36 0.76
CA ASP B 118 -17.97 14.22 1.46
C ASP B 118 -19.37 13.66 1.26
N GLY B 119 -20.31 14.16 2.07
CA GLY B 119 -21.71 13.76 1.98
C GLY B 119 -22.28 13.88 0.60
N LYS B 120 -21.90 14.89 -0.18
CA LYS B 120 -22.36 15.05 -1.57
C LYS B 120 -21.52 14.31 -2.61
N ARG B 121 -20.49 13.57 -2.19
CA ARG B 121 -19.74 12.72 -3.12
C ARG B 121 -19.15 13.49 -4.29
N THR B 122 -18.54 14.63 -4.00
CA THR B 122 -17.89 15.47 -5.00
C THR B 122 -16.37 15.44 -4.82
N VAL B 123 -15.88 15.07 -3.63
CA VAL B 123 -14.43 15.00 -3.35
C VAL B 123 -14.07 13.74 -2.54
N SER B 124 -12.79 13.39 -2.53
CA SER B 124 -12.29 12.18 -1.92
C SER B 124 -11.05 12.48 -1.07
N TRP B 125 -10.86 11.70 -0.02
CA TRP B 125 -9.62 11.72 0.73
C TRP B 125 -8.57 10.94 -0.02
N SER B 126 -7.37 11.52 -0.08
CA SER B 126 -6.20 10.78 -0.54
C SER B 126 -4.91 11.29 0.10
N LEU B 127 -3.82 10.61 -0.22
CA LEU B 127 -2.50 11.04 0.11
C LEU B 127 -1.76 11.32 -1.17
N ASN B 128 -1.01 12.40 -1.21
CA ASN B 128 -0.24 12.73 -2.37
C ASN B 128 0.96 11.81 -2.51
N ASN B 129 1.76 11.70 -1.48
CA ASN B 129 2.99 10.87 -1.53
C ASN B 129 2.95 9.59 -0.72
N ALA B 130 2.02 9.51 0.21
CA ALA B 130 1.93 8.44 1.16
C ALA B 130 3.17 8.28 1.98
N THR B 131 3.44 9.32 2.75
CA THR B 131 4.58 9.36 3.68
C THR B 131 4.06 9.64 5.09
N ALA B 132 4.79 9.14 6.07
CA ALA B 132 4.59 9.37 7.47
C ALA B 132 4.50 10.88 7.76
N GLY B 133 3.46 11.26 8.50
CA GLY B 133 3.28 12.66 8.85
C GLY B 133 2.50 13.44 7.81
N GLU B 134 2.13 12.81 6.69
CA GLU B 134 1.46 13.55 5.62
C GLU B 134 0.03 13.96 5.98
N GLU B 135 -0.34 15.18 5.62
CA GLU B 135 -1.70 15.64 5.82
C GLU B 135 -2.59 15.01 4.76
N VAL B 136 -3.80 14.61 5.16
CA VAL B 136 -4.71 13.99 4.25
C VAL B 136 -5.21 15.05 3.30
N SER B 137 -5.29 14.79 1.97
CA SER B 137 -5.89 15.75 1.05
C SER B 137 -7.35 15.42 0.71
N ILE B 138 -8.14 16.47 0.51
CA ILE B 138 -9.51 16.35 0.17
C ILE B 138 -9.57 16.95 -1.21
N GLY B 139 -9.91 16.14 -2.21
CA GLY B 139 -10.02 16.62 -3.58
C GLY B 139 -10.19 15.46 -4.54
N ALA B 140 -9.44 15.47 -5.63
CA ALA B 140 -9.57 14.47 -6.69
C ALA B 140 -9.33 13.09 -6.15
N ASP B 141 -10.06 12.14 -6.69
CA ASP B 141 -9.89 10.76 -6.36
C ASP B 141 -8.56 10.32 -6.98
N ALA B 142 -7.94 9.27 -6.47
CA ALA B 142 -6.58 8.94 -6.90
C ALA B 142 -6.47 7.44 -6.86
N THR B 143 -5.86 6.91 -7.90
CA THR B 143 -5.69 5.49 -7.94
C THR B 143 -4.73 5.19 -6.75
N PHE B 144 -5.18 4.19 -6.03
CA PHE B 144 -4.47 3.62 -4.91
C PHE B 144 -4.52 4.49 -3.68
N SER B 145 -3.92 5.66 -3.70
CA SER B 145 -3.90 6.49 -2.49
C SER B 145 -5.22 7.14 -2.16
N GLY B 146 -6.18 7.06 -3.06
CA GLY B 146 -7.56 7.45 -2.76
C GLY B 146 -8.37 6.34 -2.15
N ARG B 147 -7.76 5.21 -1.83
CA ARG B 147 -8.52 4.09 -1.26
C ARG B 147 -8.03 3.74 0.15
N TRP B 148 -8.95 3.34 1.01
CA TRP B 148 -8.67 3.14 2.40
C TRP B 148 -9.19 1.79 2.93
N VAL B 149 -8.62 1.41 4.06
CA VAL B 149 -8.95 0.21 4.75
C VAL B 149 -9.44 0.60 6.13
N ILE B 150 -10.57 0.02 6.51
CA ILE B 150 -11.21 0.37 7.77
C ILE B 150 -11.42 -0.89 8.56
N GLU B 151 -10.79 -0.98 9.70
CA GLU B 151 -10.77 -2.20 10.49
C GLU B 151 -11.23 -1.90 11.87
N LYS B 152 -12.16 -2.72 12.33
CA LYS B 152 -12.67 -2.65 13.66
C LYS B 152 -11.56 -2.73 14.71
N VAL B 153 -11.67 -1.85 15.69
CA VAL B 153 -10.97 -1.85 16.97
C VAL B 153 -9.72 -0.99 16.93
#